data_6ZLY
#
_entry.id   6ZLY
#
_cell.length_a   92.890
_cell.length_b   60.070
_cell.length_c   118.020
_cell.angle_alpha   90.000
_cell.angle_beta   103.340
_cell.angle_gamma   90.000
#
_symmetry.space_group_name_H-M   'C 1 2 1'
#
loop_
_entity.id
_entity.type
_entity.pdbx_description
1 polymer 'Peroxisome proliferator-activated receptor gamma'
2 non-polymer '(2~{S})-2-[(4-hexoxyphenyl)carbonylamino]-3-methyl-butanoic acid'
3 water water
#
_entity_poly.entity_id   1
_entity_poly.type   'polypeptide(L)'
_entity_poly.pdbx_seq_one_letter_code
;HHHHHHSSGLVPRGSHMAEISSDIDQLNPESADLRALAKHLYDSYIKSFPLTKAKARAILTGKTTDKSPFVIYDMNSLMM
GEDKIKFKHITPLQEQSKEVAIRIFQGCQFRSVEAVQEITEYAKSIPGFVNLDLNDQVTLLKYGVHEIIYTMLASLMNKD
GVLISEGQGFMTREFLKSLRKPFGDFMEPKFEFAVKFNALELDDSDLAIFIAVIILSGDRPGLLNVKPIEDIQDNLLQAL
ELQLKLNHPESSQLFAKLLQKMTDLRQIVTEHVQLLQVIKKTETDMSLHPLLQEIYKDLY
;
_entity_poly.pdbx_strand_id   A,B
#
loop_
_chem_comp.id
_chem_comp.type
_chem_comp.name
_chem_comp.formula
QMH non-polymer '(2~{S})-2-[(4-hexoxyphenyl)carbonylamino]-3-methyl-butanoic acid' 'C18 H27 N O4'
#
# COMPACT_ATOMS: atom_id res chain seq x y z
N GLU A 30 25.20 10.27 -10.39
CA GLU A 30 25.19 10.81 -11.74
C GLU A 30 24.02 10.20 -12.52
N SER A 31 23.38 11.01 -13.35
CA SER A 31 22.23 10.58 -14.16
C SER A 31 22.57 9.46 -15.13
N ALA A 32 23.84 9.41 -15.56
CA ALA A 32 24.28 8.45 -16.56
C ALA A 32 24.27 7.02 -16.02
N ASP A 33 24.76 6.85 -14.81
CA ASP A 33 24.79 5.55 -14.16
C ASP A 33 23.38 5.01 -14.02
N LEU A 34 22.46 5.93 -13.79
CA LEU A 34 21.05 5.57 -13.60
C LEU A 34 20.43 5.11 -14.93
N ARG A 35 20.87 5.72 -16.04
CA ARG A 35 20.37 5.32 -17.36
C ARG A 35 20.85 3.94 -17.72
N ALA A 36 22.11 3.65 -17.38
CA ALA A 36 22.70 2.36 -17.67
C ALA A 36 22.03 1.26 -16.86
N LEU A 37 21.72 1.55 -15.61
CA LEU A 37 20.96 0.62 -14.78
C LEU A 37 19.57 0.35 -15.38
N ALA A 38 18.90 1.41 -15.78
CA ALA A 38 17.59 1.29 -16.42
C ALA A 38 17.66 0.47 -17.71
N LYS A 39 18.72 0.64 -18.49
CA LYS A 39 18.87 -0.13 -19.71
C LYS A 39 19.09 -1.60 -19.39
N HIS A 40 19.96 -1.87 -18.43
CA HIS A 40 20.23 -3.25 -18.02
C HIS A 40 18.97 -3.97 -17.52
N LEU A 41 18.16 -3.26 -16.76
CA LEU A 41 16.95 -3.89 -16.23
C LEU A 41 15.91 -4.18 -17.33
N TYR A 42 15.68 -3.21 -18.23
CA TYR A 42 14.82 -3.42 -19.41
C TYR A 42 15.26 -4.65 -20.21
N ASP A 43 16.56 -4.72 -20.48
CA ASP A 43 17.14 -5.86 -21.15
C ASP A 43 16.82 -7.21 -20.48
N SER A 44 17.04 -7.28 -19.18
CA SER A 44 16.83 -8.52 -18.44
C SER A 44 15.37 -8.88 -18.43
N TYR A 45 14.54 -7.86 -18.36
CA TYR A 45 13.08 -8.00 -18.38
C TYR A 45 12.62 -8.67 -19.68
N ILE A 46 13.13 -8.16 -20.81
CA ILE A 46 12.73 -8.71 -22.10
C ILE A 46 13.18 -10.15 -22.19
N LYS A 47 14.34 -10.45 -21.63
CA LYS A 47 14.88 -11.80 -21.70
C LYS A 47 14.17 -12.77 -20.75
N SER A 48 13.57 -12.25 -19.68
CA SER A 48 12.95 -13.11 -18.68
C SER A 48 11.48 -13.37 -18.89
N PHE A 49 10.80 -12.39 -19.45
CA PHE A 49 9.34 -12.45 -19.61
C PHE A 49 8.96 -12.59 -21.09
N PRO A 50 8.43 -13.76 -21.47
CA PRO A 50 8.11 -14.10 -22.86
C PRO A 50 7.03 -13.20 -23.49
N LEU A 51 6.07 -12.74 -22.70
CA LEU A 51 5.02 -11.88 -23.27
C LEU A 51 5.09 -10.48 -22.68
N THR A 52 5.65 -9.55 -23.44
CA THR A 52 5.80 -8.15 -23.01
C THR A 52 4.48 -7.38 -23.11
N LYS A 53 4.39 -6.23 -22.45
CA LYS A 53 3.22 -5.36 -22.63
C LYS A 53 3.10 -4.89 -24.09
N ALA A 54 4.24 -4.61 -24.72
CA ALA A 54 4.22 -4.21 -26.12
C ALA A 54 3.48 -5.26 -26.95
N LYS A 55 3.84 -6.52 -26.76
CA LYS A 55 3.20 -7.57 -27.55
C LYS A 55 1.73 -7.72 -27.16
N ALA A 56 1.46 -7.69 -25.85
CA ALA A 56 0.08 -7.87 -25.39
C ALA A 56 -0.81 -6.78 -25.97
N ARG A 57 -0.36 -5.52 -25.94
CA ARG A 57 -1.20 -4.43 -26.45
C ARG A 57 -1.36 -4.56 -27.96
N ALA A 58 -0.34 -5.09 -28.62
CA ALA A 58 -0.44 -5.32 -30.05
C ALA A 58 -1.54 -6.35 -30.33
N ILE A 59 -1.53 -7.44 -29.57
CA ILE A 59 -2.57 -8.46 -29.74
C ILE A 59 -3.95 -7.89 -29.40
N LEU A 60 -4.03 -7.16 -28.30
CA LEU A 60 -5.33 -6.68 -27.82
C LEU A 60 -5.98 -5.65 -28.75
N THR A 61 -5.16 -4.78 -29.37
CA THR A 61 -5.73 -3.71 -30.16
C THR A 61 -5.86 -4.13 -31.63
N GLY A 62 -6.45 -3.29 -32.47
CA GLY A 62 -6.64 -3.63 -33.90
C GLY A 62 -5.26 -4.04 -34.32
N LYS A 63 -4.47 -3.13 -34.84
CA LYS A 63 -3.07 -3.48 -34.78
C LYS A 63 -2.62 -4.61 -35.69
N THR A 64 -1.69 -5.35 -35.11
CA THR A 64 -1.21 -6.62 -35.57
C THR A 64 -2.40 -7.59 -35.65
N THR A 65 -2.92 -7.77 -36.86
CA THR A 65 -3.91 -8.82 -37.11
C THR A 65 -3.24 -9.92 -37.91
N ASP A 66 -2.02 -10.23 -37.47
CA ASP A 66 -1.25 -11.39 -37.91
C ASP A 66 -1.46 -12.49 -36.87
N LYS A 67 -1.72 -12.10 -35.62
CA LYS A 67 -2.04 -13.07 -34.57
C LYS A 67 -3.19 -12.58 -33.67
N SER A 68 -4.37 -12.57 -34.26
CA SER A 68 -5.59 -12.32 -33.52
C SER A 68 -5.81 -13.49 -32.56
N PRO A 69 -6.26 -13.21 -31.33
CA PRO A 69 -6.50 -14.30 -30.38
C PRO A 69 -7.87 -14.95 -30.58
N PHE A 70 -7.98 -16.23 -30.25
CA PHE A 70 -9.28 -16.89 -30.18
C PHE A 70 -9.96 -16.46 -28.88
N VAL A 71 -11.25 -16.15 -28.92
CA VAL A 71 -11.90 -15.59 -27.74
C VAL A 71 -12.85 -16.57 -27.05
N ILE A 72 -12.62 -16.74 -25.74
CA ILE A 72 -13.41 -17.61 -24.86
C ILE A 72 -14.39 -16.77 -24.06
N TYR A 73 -15.68 -16.98 -24.30
CA TYR A 73 -16.68 -16.17 -23.61
C TYR A 73 -17.81 -17.02 -23.05
N ASP A 74 -17.80 -18.32 -23.35
CA ASP A 74 -18.75 -19.29 -22.80
C ASP A 74 -18.19 -20.71 -22.86
N MET A 75 -18.98 -21.68 -22.43
CA MET A 75 -18.54 -23.07 -22.38
C MET A 75 -18.18 -23.63 -23.74
N ASN A 76 -19.00 -23.35 -24.74
CA ASN A 76 -18.79 -23.91 -26.06
C ASN A 76 -17.52 -23.35 -26.70
N SER A 77 -17.33 -22.04 -26.62
CA SER A 77 -16.11 -21.44 -27.13
C SER A 77 -14.91 -21.95 -26.31
N LEU A 78 -15.15 -22.27 -25.05
CA LEU A 78 -14.10 -22.78 -24.18
C LEU A 78 -13.56 -24.12 -24.66
N MET A 79 -14.43 -25.01 -25.13
CA MET A 79 -13.97 -26.29 -25.66
C MET A 79 -13.49 -26.20 -27.11
N MET A 80 -13.89 -25.16 -27.83
CA MET A 80 -13.32 -24.93 -29.15
C MET A 80 -11.84 -24.56 -29.02
N GLY A 81 -11.54 -23.76 -28.01
CA GLY A 81 -10.18 -23.32 -27.75
C GLY A 81 -9.24 -24.47 -27.48
N GLU A 82 -9.75 -25.51 -26.84
CA GLU A 82 -8.95 -26.69 -26.52
C GLU A 82 -8.42 -27.35 -27.79
N GLU A 99 -14.81 -30.35 -14.03
CA GLU A 99 -15.66 -29.18 -13.96
C GLU A 99 -15.03 -28.05 -14.78
N VAL A 100 -15.80 -27.01 -15.07
CA VAL A 100 -15.31 -25.84 -15.78
C VAL A 100 -14.55 -24.81 -14.92
N ALA A 101 -14.90 -24.66 -13.63
CA ALA A 101 -14.30 -23.60 -12.81
C ALA A 101 -12.92 -23.98 -12.25
N ILE A 102 -12.76 -25.24 -11.84
CA ILE A 102 -11.52 -25.74 -11.24
C ILE A 102 -10.42 -25.95 -12.29
N ARG A 103 -10.81 -26.53 -13.42
CA ARG A 103 -9.93 -26.74 -14.59
C ARG A 103 -9.19 -25.44 -14.99
N ILE A 104 -9.94 -24.33 -15.02
CA ILE A 104 -9.40 -23.00 -15.31
C ILE A 104 -8.49 -22.54 -14.19
N PHE A 105 -8.86 -22.90 -12.96
CA PHE A 105 -8.07 -22.56 -11.79
C PHE A 105 -6.73 -23.30 -11.79
N GLN A 106 -6.74 -24.57 -12.20
CA GLN A 106 -5.51 -25.34 -12.27
C GLN A 106 -4.64 -24.81 -13.42
N GLY A 107 -5.30 -24.38 -14.51
CA GLY A 107 -4.59 -23.80 -15.62
C GLY A 107 -3.86 -22.55 -15.15
N CYS A 108 -4.51 -21.83 -14.24
CA CYS A 108 -4.01 -20.57 -13.75
C CYS A 108 -2.93 -20.78 -12.67
N GLN A 109 -3.02 -21.89 -11.94
CA GLN A 109 -1.97 -22.29 -11.00
C GLN A 109 -0.67 -22.57 -11.73
N PHE A 110 -0.79 -23.26 -12.86
CA PHE A 110 0.36 -23.60 -13.66
C PHE A 110 1.06 -22.34 -14.17
N ARG A 111 0.27 -21.38 -14.61
CA ARG A 111 0.83 -20.12 -15.10
C ARG A 111 1.52 -19.38 -13.95
N SER A 112 0.96 -19.50 -12.74
CA SER A 112 1.60 -18.94 -11.56
C SER A 112 2.96 -19.52 -11.27
N VAL A 113 3.08 -20.84 -11.37
CA VAL A 113 4.34 -21.50 -11.04
C VAL A 113 5.39 -21.15 -12.11
N GLU A 114 4.95 -20.95 -13.34
CA GLU A 114 5.84 -20.50 -14.41
C GLU A 114 6.28 -19.06 -14.18
N ALA A 115 5.35 -18.23 -13.75
CA ALA A 115 5.62 -16.82 -13.52
C ALA A 115 6.59 -16.65 -12.37
N VAL A 116 6.52 -17.52 -11.37
CA VAL A 116 7.46 -17.50 -10.26
C VAL A 116 8.89 -17.76 -10.75
N GLN A 117 9.01 -18.65 -11.72
CA GLN A 117 10.30 -18.95 -12.33
C GLN A 117 10.87 -17.75 -13.10
N GLU A 118 10.03 -17.16 -13.95
CA GLU A 118 10.43 -16.00 -14.76
C GLU A 118 10.83 -14.83 -13.85
N ILE A 119 10.05 -14.59 -12.80
CA ILE A 119 10.35 -13.54 -11.83
C ILE A 119 11.66 -13.81 -11.08
N THR A 120 11.90 -15.07 -10.73
CA THR A 120 13.12 -15.43 -10.01
C THR A 120 14.34 -15.21 -10.91
N GLU A 121 14.23 -15.62 -12.17
CA GLU A 121 15.29 -15.33 -13.14
C GLU A 121 15.56 -13.82 -13.27
N TYR A 122 14.48 -13.03 -13.38
CA TYR A 122 14.65 -11.58 -13.40
C TYR A 122 15.32 -11.06 -12.13
N ALA A 123 14.87 -11.52 -10.96
CA ALA A 123 15.40 -10.99 -9.69
C ALA A 123 16.92 -11.12 -9.63
N LYS A 124 17.41 -12.27 -10.07
CA LYS A 124 18.85 -12.50 -10.17
C LYS A 124 19.61 -11.48 -11.00
N SER A 125 18.95 -10.85 -11.97
CA SER A 125 19.64 -9.86 -12.79
C SER A 125 19.73 -8.51 -12.09
N ILE A 126 18.97 -8.30 -11.02
CA ILE A 126 18.99 -7.00 -10.35
C ILE A 126 20.33 -6.84 -9.62
N PRO A 127 21.11 -5.79 -9.96
CA PRO A 127 22.45 -5.68 -9.36
C PRO A 127 22.39 -5.68 -7.83
N GLY A 128 23.15 -6.58 -7.22
CA GLY A 128 23.21 -6.67 -5.78
C GLY A 128 22.34 -7.77 -5.20
N PHE A 129 21.30 -8.18 -5.93
CA PHE A 129 20.35 -9.13 -5.36
C PHE A 129 20.98 -10.49 -5.00
N VAL A 130 21.76 -11.07 -5.89
CA VAL A 130 22.27 -12.42 -5.58
C VAL A 130 23.43 -12.36 -4.57
N ASN A 131 23.86 -11.16 -4.20
CA ASN A 131 24.91 -10.98 -3.19
C ASN A 131 24.33 -10.92 -1.78
N LEU A 132 23.04 -10.66 -1.67
CA LEU A 132 22.38 -10.60 -0.38
C LEU A 132 22.39 -11.96 0.32
N ASP A 133 22.30 -11.94 1.64
CA ASP A 133 21.98 -13.11 2.47
C ASP A 133 20.94 -13.98 1.77
N LEU A 134 21.23 -15.28 1.64
CA LEU A 134 20.36 -16.18 0.90
C LEU A 134 18.94 -16.21 1.47
N ASN A 135 18.84 -16.14 2.79
CA ASN A 135 17.56 -16.11 3.47
C ASN A 135 16.74 -14.89 3.08
N ASP A 136 17.42 -13.75 2.94
CA ASP A 136 16.72 -12.54 2.55
C ASP A 136 16.33 -12.58 1.06
N GLN A 137 17.13 -13.26 0.24
CA GLN A 137 16.73 -13.47 -1.16
C GLN A 137 15.39 -14.18 -1.20
N VAL A 138 15.30 -15.26 -0.41
CA VAL A 138 14.07 -16.04 -0.34
C VAL A 138 12.89 -15.19 0.15
N THR A 139 13.13 -14.41 1.19
CA THR A 139 12.07 -13.60 1.78
C THR A 139 11.54 -12.54 0.80
N LEU A 140 12.46 -11.89 0.09
CA LEU A 140 12.08 -10.88 -0.89
C LEU A 140 11.22 -11.50 -1.98
N LEU A 141 11.60 -12.69 -2.42
CA LEU A 141 10.86 -13.34 -3.49
C LEU A 141 9.49 -13.77 -3.00
N LYS A 142 9.46 -14.36 -1.81
CA LYS A 142 8.23 -14.84 -1.21
C LYS A 142 7.18 -13.73 -1.17
N TYR A 143 7.57 -12.55 -0.73
CA TYR A 143 6.62 -11.44 -0.62
C TYR A 143 6.45 -10.63 -1.89
N GLY A 144 7.46 -10.65 -2.76
CA GLY A 144 7.38 -9.86 -3.98
C GLY A 144 6.65 -10.54 -5.12
N VAL A 145 6.65 -11.86 -5.16
CA VAL A 145 6.22 -12.58 -6.36
C VAL A 145 4.77 -12.25 -6.76
N HIS A 146 3.85 -12.19 -5.81
CA HIS A 146 2.46 -11.98 -6.24
C HIS A 146 2.15 -10.53 -6.56
N GLU A 147 2.84 -9.60 -5.94
CA GLU A 147 2.66 -8.21 -6.28
C GLU A 147 3.13 -7.98 -7.72
N ILE A 148 4.19 -8.67 -8.12
CA ILE A 148 4.67 -8.59 -9.49
C ILE A 148 3.74 -9.29 -10.48
N ILE A 149 3.28 -10.48 -10.13
CA ILE A 149 2.36 -11.21 -10.98
C ILE A 149 1.13 -10.35 -11.33
N TYR A 150 0.59 -9.61 -10.36
CA TYR A 150 -0.64 -8.84 -10.62
C TYR A 150 -0.33 -7.52 -11.34
N THR A 151 0.88 -7.00 -11.14
CA THR A 151 1.36 -5.84 -11.91
C THR A 151 1.44 -6.21 -13.38
N MET A 152 2.07 -7.35 -13.64
CA MET A 152 2.29 -7.79 -15.01
C MET A 152 1.04 -8.33 -15.66
N LEU A 153 0.17 -8.91 -14.85
CA LEU A 153 -1.14 -9.35 -15.32
C LEU A 153 -1.93 -8.19 -15.92
N ALA A 154 -1.77 -6.99 -15.38
CA ALA A 154 -2.48 -5.84 -15.94
C ALA A 154 -2.10 -5.59 -17.41
N SER A 155 -0.84 -5.90 -17.76
CA SER A 155 -0.39 -5.72 -19.14
C SER A 155 -1.19 -6.59 -20.09
N LEU A 156 -1.78 -7.66 -19.57
CA LEU A 156 -2.46 -8.65 -20.39
C LEU A 156 -3.96 -8.41 -20.41
N MET A 157 -4.40 -7.37 -19.72
CA MET A 157 -5.85 -7.11 -19.53
C MET A 157 -6.34 -5.82 -20.18
N ASN A 158 -7.62 -5.82 -20.54
CA ASN A 158 -8.34 -4.57 -20.77
C ASN A 158 -9.65 -4.68 -20.00
N LYS A 159 -10.54 -3.72 -20.14
CA LYS A 159 -11.79 -3.77 -19.38
C LYS A 159 -12.60 -5.04 -19.68
N ASP A 160 -12.41 -5.61 -20.88
CA ASP A 160 -13.23 -6.72 -21.36
C ASP A 160 -12.70 -8.14 -21.11
N GLY A 161 -11.43 -8.31 -20.74
CA GLY A 161 -10.91 -9.66 -20.61
C GLY A 161 -9.41 -9.72 -20.53
N VAL A 162 -8.85 -10.92 -20.60
CA VAL A 162 -7.43 -11.13 -20.37
C VAL A 162 -6.83 -12.13 -21.35
N LEU A 163 -5.63 -11.83 -21.84
CA LEU A 163 -4.91 -12.76 -22.69
C LEU A 163 -4.50 -14.00 -21.92
N ILE A 164 -4.62 -15.15 -22.55
CA ILE A 164 -4.16 -16.42 -21.99
C ILE A 164 -3.33 -17.18 -23.01
N SER A 165 -2.66 -18.22 -22.54
CA SER A 165 -1.89 -19.12 -23.41
C SER A 165 -0.92 -18.36 -24.29
N GLU A 166 -0.04 -17.61 -23.63
CA GLU A 166 0.94 -16.75 -24.29
C GLU A 166 0.34 -15.89 -25.40
N GLY A 167 -0.87 -15.39 -25.16
CA GLY A 167 -1.50 -14.47 -26.09
C GLY A 167 -2.26 -15.10 -27.25
N GLN A 168 -2.37 -16.42 -27.28
CA GLN A 168 -3.09 -17.13 -28.34
C GLN A 168 -4.59 -17.12 -28.09
N GLY A 169 -4.97 -16.94 -26.84
CA GLY A 169 -6.38 -16.92 -26.45
C GLY A 169 -6.72 -15.64 -25.74
N PHE A 170 -8.03 -15.40 -25.57
CA PHE A 170 -8.50 -14.25 -24.81
C PHE A 170 -9.75 -14.70 -24.06
N MET A 171 -9.72 -14.58 -22.76
CA MET A 171 -10.85 -15.00 -21.94
C MET A 171 -11.60 -13.80 -21.40
N THR A 172 -12.91 -13.81 -21.61
CA THR A 172 -13.74 -12.67 -21.24
C THR A 172 -13.88 -12.50 -19.72
N ARG A 173 -13.88 -11.24 -19.29
CA ARG A 173 -14.09 -10.88 -17.90
C ARG A 173 -15.48 -11.33 -17.41
N GLU A 174 -16.46 -11.23 -18.30
CA GLU A 174 -17.82 -11.66 -17.96
C GLU A 174 -17.85 -13.17 -17.77
N PHE A 175 -17.14 -13.91 -18.64
CA PHE A 175 -17.10 -15.37 -18.52
C PHE A 175 -16.46 -15.79 -17.19
N LEU A 176 -15.33 -15.17 -16.85
CA LEU A 176 -14.66 -15.41 -15.58
C LEU A 176 -15.59 -15.10 -14.40
N LYS A 177 -16.35 -14.02 -14.50
CA LYS A 177 -17.21 -13.59 -13.40
C LYS A 177 -18.35 -14.57 -13.18
N SER A 178 -18.74 -15.28 -14.24
CA SER A 178 -19.89 -16.16 -14.19
C SER A 178 -19.56 -17.57 -13.69
N LEU A 179 -18.29 -17.81 -13.40
CA LEU A 179 -17.87 -19.12 -12.91
C LEU A 179 -18.52 -19.43 -11.56
N ARG A 180 -18.76 -20.72 -11.31
CA ARG A 180 -19.45 -21.14 -10.09
C ARG A 180 -18.78 -20.70 -8.79
N LYS A 181 -19.57 -20.85 -7.74
CA LYS A 181 -19.15 -20.68 -6.38
C LYS A 181 -18.55 -19.35 -6.12
N PRO A 182 -17.28 -19.34 -5.73
CA PRO A 182 -16.38 -18.27 -5.42
C PRO A 182 -15.30 -18.17 -6.47
N PHE A 183 -15.28 -19.03 -7.46
CA PHE A 183 -14.27 -18.96 -8.52
C PHE A 183 -14.54 -17.72 -9.37
N GLY A 184 -15.80 -17.29 -9.40
CA GLY A 184 -16.18 -16.09 -10.13
C GLY A 184 -15.70 -14.79 -9.51
N ASP A 185 -15.26 -14.84 -8.26
CA ASP A 185 -14.83 -13.64 -7.56
C ASP A 185 -13.31 -13.52 -7.61
N PHE A 186 -12.69 -14.50 -8.24
CA PHE A 186 -11.25 -14.65 -8.23
C PHE A 186 -10.52 -13.59 -9.08
N MET A 187 -10.92 -13.42 -10.34
CA MET A 187 -10.23 -12.48 -11.24
C MET A 187 -10.76 -11.05 -11.18
N GLU A 188 -11.99 -10.86 -10.71
CA GLU A 188 -12.63 -9.54 -10.82
C GLU A 188 -11.85 -8.40 -10.13
N PRO A 189 -11.35 -8.62 -8.90
CA PRO A 189 -10.59 -7.46 -8.38
C PRO A 189 -9.25 -7.23 -9.10
N LYS A 190 -8.72 -8.23 -9.80
CA LYS A 190 -7.53 -8.02 -10.63
C LYS A 190 -7.86 -7.12 -11.80
N PHE A 191 -9.01 -7.35 -12.43
CA PHE A 191 -9.49 -6.48 -13.49
C PHE A 191 -9.68 -5.04 -13.00
N GLU A 192 -10.25 -4.87 -11.81
CA GLU A 192 -10.48 -3.52 -11.26
C GLU A 192 -9.18 -2.76 -11.08
N PHE A 193 -8.19 -3.47 -10.58
CA PHE A 193 -6.86 -2.90 -10.45
C PHE A 193 -6.28 -2.54 -11.81
N ALA A 194 -6.37 -3.50 -12.72
CA ALA A 194 -5.72 -3.36 -14.03
C ALA A 194 -6.24 -2.18 -14.84
N VAL A 195 -7.55 -1.92 -14.80
CA VAL A 195 -8.07 -0.80 -15.57
C VAL A 195 -7.58 0.53 -14.98
N LYS A 196 -7.43 0.58 -13.67
CA LYS A 196 -6.84 1.76 -13.03
C LYS A 196 -5.32 1.81 -13.31
N PHE A 197 -4.65 0.69 -13.15
CA PHE A 197 -3.20 0.65 -13.36
C PHE A 197 -2.87 0.98 -14.82
N ASN A 198 -3.63 0.43 -15.78
CA ASN A 198 -3.23 0.72 -17.16
C ASN A 198 -3.51 2.17 -17.58
N ALA A 199 -4.26 2.92 -16.78
CA ALA A 199 -4.47 4.33 -17.10
C ALA A 199 -3.18 5.16 -16.89
N LEU A 200 -2.19 4.57 -16.20
CA LEU A 200 -0.88 5.23 -16.05
C LEU A 200 -0.07 5.16 -17.35
N GLU A 201 -0.53 4.32 -18.28
CA GLU A 201 0.09 4.20 -19.60
C GLU A 201 1.59 3.92 -19.53
N LEU A 202 1.97 3.02 -18.63
CA LEU A 202 3.38 2.65 -18.51
C LEU A 202 3.81 1.72 -19.64
N ASP A 203 5.08 1.75 -20.00
CA ASP A 203 5.55 0.77 -20.96
C ASP A 203 6.57 -0.16 -20.31
N ASP A 204 7.09 -1.10 -21.09
CA ASP A 204 7.87 -2.19 -20.51
C ASP A 204 9.14 -1.65 -19.86
N SER A 205 9.68 -0.56 -20.41
CA SER A 205 10.91 0.02 -19.86
C SER A 205 10.66 0.64 -18.49
N ASP A 206 9.45 1.16 -18.27
CA ASP A 206 9.06 1.68 -16.95
C ASP A 206 8.84 0.51 -16.01
N LEU A 207 8.08 -0.48 -16.49
CA LEU A 207 7.70 -1.64 -15.68
C LEU A 207 8.90 -2.44 -15.19
N ALA A 208 9.90 -2.62 -16.05
CA ALA A 208 11.10 -3.36 -15.63
C ALA A 208 11.66 -2.81 -14.33
N ILE A 209 11.74 -1.49 -14.20
CA ILE A 209 12.36 -0.90 -13.00
C ILE A 209 11.38 -0.94 -11.81
N PHE A 210 10.11 -0.69 -12.10
CA PHE A 210 9.09 -0.75 -11.05
C PHE A 210 9.06 -2.11 -10.37
N ILE A 211 9.11 -3.17 -11.18
CA ILE A 211 9.10 -4.55 -10.69
C ILE A 211 10.34 -4.85 -9.83
N ALA A 212 11.49 -4.32 -10.23
CA ALA A 212 12.69 -4.44 -9.39
C ALA A 212 12.50 -3.72 -8.03
N VAL A 213 11.93 -2.52 -8.07
CA VAL A 213 11.66 -1.79 -6.82
C VAL A 213 10.76 -2.61 -5.89
N ILE A 214 9.76 -3.28 -6.45
CA ILE A 214 8.84 -4.10 -5.66
C ILE A 214 9.59 -5.21 -4.92
N ILE A 215 10.47 -5.89 -5.66
CA ILE A 215 11.26 -6.99 -5.11
C ILE A 215 12.14 -6.53 -3.95
N LEU A 216 12.81 -5.41 -4.13
CA LEU A 216 13.81 -4.98 -3.16
C LEU A 216 13.18 -4.10 -2.08
N SER A 217 12.16 -4.61 -1.42
CA SER A 217 11.40 -3.75 -0.51
C SER A 217 12.10 -3.46 0.82
N GLY A 218 12.32 -4.46 1.66
CA GLY A 218 13.04 -4.16 2.88
C GLY A 218 12.12 -3.88 4.07
N ASP A 219 10.88 -3.53 3.79
CA ASP A 219 9.88 -3.54 4.86
C ASP A 219 9.22 -4.91 4.87
N ARG A 220 9.79 -5.86 4.13
CA ARG A 220 9.29 -7.23 4.14
C ARG A 220 9.50 -7.83 5.53
N PRO A 221 8.48 -8.56 6.03
CA PRO A 221 8.58 -9.24 7.33
C PRO A 221 9.75 -10.23 7.38
N GLY A 222 10.49 -10.25 8.48
CA GLY A 222 11.48 -11.29 8.71
C GLY A 222 12.82 -11.18 8.00
N LEU A 223 13.12 -10.02 7.42
CA LEU A 223 14.43 -9.81 6.81
C LEU A 223 15.50 -9.66 7.86
N LEU A 224 16.65 -10.29 7.61
CA LEU A 224 17.78 -10.25 8.52
C LEU A 224 18.52 -8.92 8.39
N ASN A 225 18.91 -8.57 7.16
CA ASN A 225 19.67 -7.34 6.93
C ASN A 225 19.00 -6.36 5.99
N VAL A 226 18.35 -5.36 6.56
CA VAL A 226 17.51 -4.42 5.82
C VAL A 226 18.32 -3.39 5.09
N LYS A 227 19.41 -2.94 5.71
CA LYS A 227 20.26 -1.89 5.16
C LYS A 227 20.73 -2.14 3.72
N PRO A 228 21.34 -3.31 3.42
CA PRO A 228 21.78 -3.48 2.03
C PRO A 228 20.64 -3.54 1.04
N ILE A 229 19.48 -4.01 1.48
CA ILE A 229 18.28 -4.03 0.63
C ILE A 229 17.84 -2.60 0.36
N GLU A 230 17.80 -1.78 1.41
CA GLU A 230 17.45 -0.38 1.27
C GLU A 230 18.36 0.36 0.31
N ASP A 231 19.67 0.11 0.41
CA ASP A 231 20.62 0.79 -0.46
C ASP A 231 20.34 0.46 -1.93
N ILE A 232 20.04 -0.81 -2.21
CA ILE A 232 19.70 -1.21 -3.57
C ILE A 232 18.39 -0.55 -4.01
N GLN A 233 17.38 -0.53 -3.13
CA GLN A 233 16.10 0.02 -3.59
C GLN A 233 16.23 1.52 -3.84
N ASP A 234 17.13 2.18 -3.12
CA ASP A 234 17.27 3.62 -3.29
C ASP A 234 17.83 3.96 -4.66
N ASN A 235 18.79 3.16 -5.09
CA ASN A 235 19.31 3.20 -6.45
C ASN A 235 18.20 2.95 -7.47
N LEU A 236 17.43 1.90 -7.23
CA LEU A 236 16.35 1.53 -8.15
C LEU A 236 15.31 2.64 -8.23
N LEU A 237 15.03 3.28 -7.10
CA LEU A 237 14.05 4.36 -7.09
C LEU A 237 14.55 5.60 -7.82
N GLN A 238 15.82 5.96 -7.60
CA GLN A 238 16.43 7.03 -8.38
C GLN A 238 16.33 6.70 -9.87
N ALA A 239 16.55 5.44 -10.21
CA ALA A 239 16.52 5.02 -11.62
C ALA A 239 15.11 5.12 -12.19
N LEU A 240 14.13 4.76 -11.38
CA LEU A 240 12.72 4.77 -11.79
C LEU A 240 12.24 6.20 -11.98
N GLU A 241 12.57 7.07 -11.04
CA GLU A 241 12.18 8.47 -11.11
C GLU A 241 12.72 9.17 -12.35
N LEU A 242 13.99 8.91 -12.69
CA LEU A 242 14.57 9.49 -13.90
C LEU A 242 13.87 8.92 -15.14
N GLN A 243 13.70 7.61 -15.17
CA GLN A 243 13.06 6.95 -16.31
C GLN A 243 11.70 7.54 -16.61
N LEU A 244 10.92 7.82 -15.56
CA LEU A 244 9.57 8.33 -15.77
C LEU A 244 9.59 9.80 -16.20
N LYS A 245 10.48 10.58 -15.61
CA LYS A 245 10.65 11.98 -16.00
C LYS A 245 11.08 12.08 -17.48
N LEU A 246 11.92 11.15 -17.92
CA LEU A 246 12.36 11.16 -19.31
C LEU A 246 11.33 10.57 -20.27
N ASN A 247 10.70 9.47 -19.88
CA ASN A 247 9.80 8.74 -20.79
C ASN A 247 8.40 9.37 -20.82
N HIS A 248 8.01 10.01 -19.72
CA HIS A 248 6.70 10.65 -19.61
C HIS A 248 6.82 12.09 -19.10
N PRO A 249 7.41 12.98 -19.90
CA PRO A 249 7.80 14.30 -19.38
C PRO A 249 6.61 15.21 -19.08
N GLU A 250 5.45 14.88 -19.64
CA GLU A 250 4.23 15.67 -19.43
C GLU A 250 3.35 15.06 -18.36
N SER A 251 3.78 13.92 -17.81
CA SER A 251 2.95 13.19 -16.87
C SER A 251 3.32 13.59 -15.44
N SER A 252 2.57 14.54 -14.89
CA SER A 252 2.90 15.11 -13.59
C SER A 252 2.85 14.09 -12.47
N GLN A 253 3.94 13.99 -11.73
CA GLN A 253 3.98 13.22 -10.50
C GLN A 253 3.64 11.74 -10.74
N LEU A 254 4.00 11.26 -11.94
CA LEU A 254 3.72 9.88 -12.30
C LEU A 254 4.43 8.92 -11.36
N PHE A 255 5.65 9.28 -11.02
CA PHE A 255 6.45 8.56 -10.06
C PHE A 255 5.67 8.33 -8.74
N ALA A 256 5.14 9.40 -8.17
CA ALA A 256 4.38 9.26 -6.92
C ALA A 256 3.15 8.40 -7.15
N LYS A 257 2.44 8.67 -8.24
CA LYS A 257 1.21 7.95 -8.56
C LYS A 257 1.44 6.47 -8.71
N LEU A 258 2.59 6.12 -9.31
CA LEU A 258 2.98 4.72 -9.50
C LEU A 258 3.29 4.05 -8.16
N LEU A 259 4.05 4.75 -7.32
CA LEU A 259 4.37 4.23 -6.00
C LEU A 259 3.09 4.02 -5.18
N GLN A 260 2.11 4.88 -5.37
CA GLN A 260 0.84 4.73 -4.65
C GLN A 260 0.16 3.44 -5.02
N LYS A 261 0.38 2.95 -6.24
CA LYS A 261 -0.27 1.73 -6.69
C LYS A 261 0.22 0.50 -5.92
N MET A 262 1.38 0.63 -5.26
CA MET A 262 1.88 -0.48 -4.47
C MET A 262 0.88 -0.78 -3.33
N THR A 263 0.12 0.24 -2.91
CA THR A 263 -0.94 0.01 -1.91
C THR A 263 -2.04 -0.89 -2.48
N ASP A 264 -2.37 -0.72 -3.77
CA ASP A 264 -3.45 -1.50 -4.39
C ASP A 264 -3.02 -2.95 -4.48
N LEU A 265 -1.76 -3.14 -4.87
CA LEU A 265 -1.21 -4.48 -5.05
C LEU A 265 -1.24 -5.26 -3.75
N ARG A 266 -0.80 -4.62 -2.67
CA ARG A 266 -0.83 -5.24 -1.35
C ARG A 266 -2.23 -5.73 -1.00
N GLN A 267 -3.23 -4.90 -1.29
CA GLN A 267 -4.61 -5.22 -0.96
C GLN A 267 -5.13 -6.37 -1.83
N ILE A 268 -4.74 -6.39 -3.10
CA ILE A 268 -5.12 -7.49 -3.99
C ILE A 268 -4.60 -8.83 -3.46
N VAL A 269 -3.34 -8.83 -3.01
CA VAL A 269 -2.73 -10.05 -2.51
C VAL A 269 -3.46 -10.48 -1.23
N THR A 270 -3.62 -9.53 -0.32
CA THR A 270 -4.28 -9.79 0.96
C THR A 270 -5.66 -10.39 0.74
N GLU A 271 -6.41 -9.87 -0.23
CA GLU A 271 -7.73 -10.40 -0.54
C GLU A 271 -7.68 -11.73 -1.24
N HIS A 272 -6.70 -11.89 -2.10
CA HIS A 272 -6.53 -13.13 -2.83
C HIS A 272 -6.20 -14.32 -1.90
N VAL A 273 -5.35 -14.08 -0.89
CA VAL A 273 -5.05 -15.07 0.14
C VAL A 273 -6.33 -15.52 0.89
N GLN A 274 -7.19 -14.56 1.20
CA GLN A 274 -8.42 -14.87 1.93
C GLN A 274 -9.31 -15.76 1.06
N LEU A 275 -9.35 -15.46 -0.23
CA LEU A 275 -10.14 -16.24 -1.15
C LEU A 275 -9.63 -17.67 -1.29
N LEU A 276 -8.30 -17.84 -1.26
CA LEU A 276 -7.71 -19.16 -1.35
C LEU A 276 -8.02 -20.04 -0.13
N GLN A 277 -8.03 -19.43 1.05
CA GLN A 277 -8.36 -20.16 2.28
C GLN A 277 -9.79 -20.68 2.22
N VAL A 278 -10.66 -19.92 1.57
CA VAL A 278 -12.03 -20.35 1.38
C VAL A 278 -12.10 -21.52 0.41
N ILE A 279 -11.40 -21.40 -0.71
CA ILE A 279 -11.44 -22.41 -1.77
C ILE A 279 -10.93 -23.77 -1.28
N LYS A 280 -9.85 -23.77 -0.52
CA LYS A 280 -9.24 -25.03 -0.09
C LYS A 280 -10.13 -25.76 0.91
N LYS A 281 -11.00 -25.04 1.57
CA LYS A 281 -11.89 -25.64 2.56
C LYS A 281 -13.22 -26.10 1.95
N THR A 282 -13.65 -25.46 0.87
CA THR A 282 -14.87 -25.90 0.19
C THR A 282 -14.59 -27.04 -0.77
N GLU A 283 -13.41 -27.00 -1.40
CA GLU A 283 -13.01 -28.05 -2.32
C GLU A 283 -11.85 -28.87 -1.80
N THR A 284 -12.15 -29.90 -1.01
CA THR A 284 -11.13 -30.72 -0.38
C THR A 284 -10.33 -31.56 -1.37
N ASP A 285 -10.80 -31.62 -2.62
CA ASP A 285 -10.13 -32.40 -3.66
C ASP A 285 -9.28 -31.53 -4.56
N MET A 286 -9.22 -30.24 -4.25
CA MET A 286 -8.46 -29.32 -5.08
C MET A 286 -7.04 -29.18 -4.58
N SER A 287 -6.08 -29.27 -5.48
CA SER A 287 -4.67 -29.29 -5.11
C SER A 287 -3.97 -27.98 -5.41
N LEU A 288 -3.26 -27.44 -4.41
CA LEU A 288 -2.43 -26.25 -4.58
C LEU A 288 -0.95 -26.63 -4.61
N HIS A 289 -0.22 -26.08 -5.58
CA HIS A 289 1.19 -26.37 -5.78
C HIS A 289 2.05 -26.00 -4.57
N PRO A 290 2.98 -26.90 -4.18
CA PRO A 290 3.83 -26.72 -3.00
C PRO A 290 4.62 -25.41 -3.01
N LEU A 291 5.12 -25.02 -4.18
CA LEU A 291 5.78 -23.72 -4.35
C LEU A 291 4.87 -22.58 -3.91
N LEU A 292 3.63 -22.60 -4.38
CA LEU A 292 2.67 -21.57 -4.03
C LEU A 292 2.29 -21.68 -2.55
N GLN A 293 2.12 -22.90 -2.06
CA GLN A 293 1.81 -23.10 -0.64
C GLN A 293 2.92 -22.53 0.22
N GLU A 294 4.15 -22.65 -0.25
CA GLU A 294 5.26 -22.17 0.55
C GLU A 294 5.31 -20.65 0.58
N ILE A 295 5.00 -20.05 -0.56
CA ILE A 295 4.94 -18.60 -0.64
C ILE A 295 3.89 -18.06 0.33
N TYR A 296 2.74 -18.73 0.44
CA TYR A 296 1.68 -18.24 1.33
C TYR A 296 1.87 -18.65 2.80
N LYS A 297 1.41 -17.79 3.70
CA LYS A 297 1.46 -18.08 5.13
C LYS A 297 0.16 -17.66 5.80
N GLU B 30 5.91 26.29 -10.13
CA GLU B 30 6.51 27.42 -9.43
C GLU B 30 6.78 27.06 -7.97
N SER B 31 8.05 27.17 -7.56
CA SER B 31 8.47 26.83 -6.21
C SER B 31 7.84 27.74 -5.15
N ALA B 32 7.10 28.76 -5.60
CA ALA B 32 6.56 29.78 -4.71
C ALA B 32 5.19 29.41 -4.16
N ASP B 33 4.34 28.80 -4.97
CA ASP B 33 3.05 28.40 -4.47
C ASP B 33 3.21 27.07 -3.72
N LEU B 34 4.26 26.34 -4.04
CA LEU B 34 4.54 25.07 -3.35
C LEU B 34 5.02 25.29 -1.92
N ARG B 35 5.76 26.36 -1.67
CA ARG B 35 6.22 26.65 -0.32
C ARG B 35 5.19 27.46 0.43
N ALA B 36 4.37 28.22 -0.30
CA ALA B 36 3.23 28.87 0.32
C ALA B 36 2.29 27.79 0.84
N LEU B 37 2.10 26.75 0.03
CA LEU B 37 1.26 25.61 0.38
C LEU B 37 1.78 24.87 1.61
N ALA B 38 3.11 24.65 1.66
CA ALA B 38 3.74 23.95 2.77
C ALA B 38 3.60 24.71 4.08
N LYS B 39 3.91 26.00 4.05
CA LYS B 39 3.78 26.83 5.24
C LYS B 39 2.33 26.90 5.69
N HIS B 40 1.43 27.03 4.72
CA HIS B 40 0.00 27.09 5.04
C HIS B 40 -0.42 25.85 5.81
N LEU B 41 -0.05 24.69 5.30
CA LEU B 41 -0.45 23.42 5.92
C LEU B 41 0.19 23.24 7.28
N TYR B 42 1.46 23.63 7.39
CA TYR B 42 2.14 23.55 8.67
C TYR B 42 1.42 24.38 9.73
N ASP B 43 1.12 25.63 9.38
CA ASP B 43 0.47 26.53 10.33
C ASP B 43 -0.86 25.96 10.80
N SER B 44 -1.68 25.45 9.88
CA SER B 44 -3.00 24.92 10.27
C SER B 44 -2.91 23.58 10.98
N TYR B 45 -1.86 22.82 10.70
CA TYR B 45 -1.57 21.60 11.45
C TYR B 45 -1.31 21.94 12.92
N ILE B 46 -0.47 22.94 13.14
CA ILE B 46 -0.19 23.43 14.49
C ILE B 46 -1.46 23.90 15.19
N LYS B 47 -2.30 24.62 14.47
CA LYS B 47 -3.55 25.14 15.01
C LYS B 47 -4.50 24.02 15.42
N SER B 48 -4.61 23.00 14.56
CA SER B 48 -5.58 21.94 14.73
C SER B 48 -5.17 20.82 15.69
N PHE B 49 -3.89 20.47 15.72
CA PHE B 49 -3.47 19.34 16.52
C PHE B 49 -2.68 19.79 17.75
N PRO B 50 -3.28 19.65 18.94
CA PRO B 50 -2.71 20.08 20.23
C PRO B 50 -1.29 19.53 20.43
N LEU B 51 -1.12 18.22 20.41
CA LEU B 51 0.17 17.60 20.70
C LEU B 51 0.95 17.31 19.42
N THR B 52 1.98 18.11 19.16
CA THR B 52 2.81 17.98 17.97
C THR B 52 3.88 16.92 18.15
N LYS B 53 4.46 16.43 17.05
CA LYS B 53 5.52 15.44 17.15
C LYS B 53 6.69 16.01 17.94
N ALA B 54 7.00 17.28 17.67
CA ALA B 54 8.14 17.95 18.31
C ALA B 54 7.97 17.91 19.83
N LYS B 55 6.77 18.23 20.30
CA LYS B 55 6.48 18.19 21.72
C LYS B 55 6.51 16.77 22.28
N ALA B 56 6.00 15.81 21.51
CA ALA B 56 5.94 14.43 21.94
C ALA B 56 7.33 13.83 22.10
N ARG B 57 8.20 14.13 21.14
CA ARG B 57 9.57 13.65 21.18
C ARG B 57 10.29 14.20 22.39
N ALA B 58 10.02 15.46 22.73
CA ALA B 58 10.62 16.08 23.90
C ALA B 58 10.24 15.32 25.16
N ILE B 59 8.99 14.88 25.22
CA ILE B 59 8.44 14.16 26.38
C ILE B 59 8.88 12.70 26.40
N LEU B 60 9.05 12.12 25.22
CA LEU B 60 9.36 10.69 25.09
C LEU B 60 10.83 10.37 25.35
N THR B 61 11.53 10.08 24.25
CA THR B 61 12.94 9.75 24.25
C THR B 61 13.75 11.04 24.41
N GLY B 62 13.13 12.18 24.13
CA GLY B 62 13.68 13.43 24.61
C GLY B 62 13.38 13.40 26.10
N LYS B 63 14.28 13.90 26.92
CA LYS B 63 14.05 13.84 28.37
C LYS B 63 13.88 15.24 28.88
N THR B 64 12.73 15.84 28.56
CA THR B 64 12.44 17.20 28.99
C THR B 64 12.57 17.35 30.50
N ASP B 66 10.94 18.98 32.30
CA ASP B 66 9.66 19.56 32.71
C ASP B 66 8.49 18.57 32.68
N LYS B 67 8.21 17.99 33.85
CA LYS B 67 7.09 17.05 34.05
C LYS B 67 7.03 15.78 33.20
N SER B 68 7.67 14.71 33.68
CA SER B 68 7.63 13.42 33.02
C SER B 68 6.19 12.95 33.08
N PRO B 69 5.78 12.17 32.08
CA PRO B 69 4.42 11.61 32.06
C PRO B 69 4.24 10.58 33.17
N PHE B 70 3.01 10.47 33.68
CA PHE B 70 2.64 9.37 34.56
C PHE B 70 2.71 8.09 33.73
N VAL B 71 3.36 7.06 34.27
CA VAL B 71 3.62 5.85 33.49
C VAL B 71 2.74 4.67 33.91
N ILE B 72 1.98 4.15 32.94
CA ILE B 72 1.12 3.01 33.20
C ILE B 72 1.78 1.75 32.65
N TYR B 73 2.15 0.84 33.54
CA TYR B 73 2.93 -0.32 33.13
C TYR B 73 2.30 -1.60 33.65
N ASP B 74 1.26 -1.44 34.48
CA ASP B 74 0.53 -2.59 35.01
C ASP B 74 -0.85 -2.18 35.56
N MET B 75 -1.57 -3.15 36.09
CA MET B 75 -2.95 -2.92 36.53
C MET B 75 -3.02 -1.88 37.65
N ASN B 76 -2.10 -1.98 38.61
CA ASN B 76 -2.08 -1.02 39.71
C ASN B 76 -1.77 0.39 39.24
N SER B 77 -0.76 0.56 38.38
CA SER B 77 -0.45 1.88 37.85
C SER B 77 -1.63 2.39 37.01
N LEU B 78 -2.26 1.49 36.29
CA LEU B 78 -3.43 1.87 35.48
C LEU B 78 -4.50 2.54 36.33
N MET B 79 -4.85 1.90 37.45
CA MET B 79 -5.91 2.39 38.32
C MET B 79 -5.61 3.81 38.75
N MET B 80 -4.37 4.06 39.12
CA MET B 80 -4.03 5.40 39.55
C MET B 80 -3.96 6.36 38.38
N GLU B 99 -12.84 -2.11 35.05
CA GLU B 99 -12.63 -3.32 34.30
C GLU B 99 -11.71 -3.01 33.11
N VAL B 100 -10.42 -2.98 33.43
CA VAL B 100 -9.28 -2.70 32.56
C VAL B 100 -9.41 -2.69 31.01
N ALA B 101 -9.25 -3.84 30.35
CA ALA B 101 -9.20 -3.90 28.88
C ALA B 101 -10.34 -3.18 28.16
N ILE B 102 -11.55 -3.30 28.70
CA ILE B 102 -12.70 -2.65 28.08
C ILE B 102 -12.61 -1.13 28.28
N ARG B 103 -12.29 -0.70 29.49
CA ARG B 103 -12.25 0.74 29.74
C ARG B 103 -11.06 1.42 29.06
N ILE B 104 -9.99 0.67 28.84
CA ILE B 104 -8.88 1.19 28.05
C ILE B 104 -9.36 1.35 26.61
N PHE B 105 -10.01 0.31 26.11
CA PHE B 105 -10.55 0.36 24.76
C PHE B 105 -11.48 1.56 24.55
N GLN B 106 -12.35 1.80 25.52
CA GLN B 106 -13.33 2.88 25.42
C GLN B 106 -12.65 4.25 25.54
N GLY B 107 -11.56 4.29 26.30
CA GLY B 107 -10.78 5.52 26.38
C GLY B 107 -10.12 5.84 25.06
N CYS B 108 -9.68 4.80 24.34
CA CYS B 108 -9.07 5.00 23.03
C CYS B 108 -10.12 5.47 22.02
N GLN B 109 -11.35 5.00 22.19
CA GLN B 109 -12.46 5.43 21.37
C GLN B 109 -12.76 6.91 21.55
N PHE B 110 -12.83 7.35 22.81
CA PHE B 110 -13.04 8.77 23.13
C PHE B 110 -12.01 9.64 22.46
N ARG B 111 -10.75 9.24 22.60
CA ARG B 111 -9.65 9.97 22.00
C ARG B 111 -9.75 10.00 20.49
N SER B 112 -10.18 8.89 19.89
CA SER B 112 -10.22 8.81 18.45
C SER B 112 -11.34 9.71 17.89
N VAL B 113 -12.44 9.86 18.63
CA VAL B 113 -13.49 10.78 18.22
C VAL B 113 -13.04 12.23 18.30
N GLU B 114 -12.29 12.58 19.34
CA GLU B 114 -11.67 13.92 19.39
C GLU B 114 -10.80 14.12 18.16
N ALA B 115 -9.99 13.11 17.87
CA ALA B 115 -9.05 13.17 16.76
C ALA B 115 -9.75 13.36 15.42
N VAL B 116 -10.89 12.70 15.25
CA VAL B 116 -11.67 12.85 14.02
C VAL B 116 -12.02 14.32 13.80
N GLN B 117 -12.40 15.03 14.85
CA GLN B 117 -12.76 16.45 14.71
C GLN B 117 -11.53 17.34 14.45
N GLU B 118 -10.38 17.00 15.02
CA GLU B 118 -9.17 17.77 14.71
C GLU B 118 -8.81 17.58 13.25
N ILE B 119 -8.87 16.33 12.79
CA ILE B 119 -8.56 16.01 11.41
C ILE B 119 -9.52 16.70 10.45
N THR B 120 -10.80 16.75 10.84
CA THR B 120 -11.82 17.38 10.00
C THR B 120 -11.54 18.87 9.81
N GLU B 121 -11.22 19.55 10.91
CA GLU B 121 -10.87 20.95 10.87
C GLU B 121 -9.68 21.19 9.97
N TYR B 122 -8.64 20.37 10.15
CA TYR B 122 -7.44 20.49 9.35
C TYR B 122 -7.74 20.32 7.86
N ALA B 123 -8.57 19.34 7.54
CA ALA B 123 -8.92 19.04 6.14
C ALA B 123 -9.51 20.24 5.45
N LYS B 124 -10.39 20.93 6.16
CA LYS B 124 -11.10 22.06 5.59
C LYS B 124 -10.17 23.24 5.33
N SER B 125 -8.94 23.16 5.83
CA SER B 125 -7.94 24.20 5.55
C SER B 125 -7.06 23.85 4.34
N ILE B 126 -7.15 22.62 3.86
CA ILE B 126 -6.41 22.23 2.67
C ILE B 126 -7.04 22.94 1.47
N PRO B 127 -6.27 23.77 0.76
CA PRO B 127 -6.78 24.53 -0.40
C PRO B 127 -7.52 23.66 -1.39
N GLY B 128 -8.78 24.01 -1.65
CA GLY B 128 -9.60 23.30 -2.61
C GLY B 128 -10.59 22.33 -1.98
N PHE B 129 -10.28 21.87 -0.77
CA PHE B 129 -11.05 20.78 -0.17
C PHE B 129 -12.52 21.13 0.01
N VAL B 130 -12.79 22.29 0.59
CA VAL B 130 -14.18 22.68 0.87
C VAL B 130 -14.95 22.98 -0.41
N ASN B 131 -14.23 23.21 -1.51
CA ASN B 131 -14.89 23.50 -2.77
C ASN B 131 -15.28 22.23 -3.51
N LEU B 132 -14.87 21.08 -2.98
CA LEU B 132 -15.26 19.79 -3.53
C LEU B 132 -16.73 19.51 -3.24
N ASP B 133 -17.32 18.63 -4.03
CA ASP B 133 -18.62 18.06 -3.75
C ASP B 133 -18.75 17.69 -2.27
N LEU B 134 -19.87 18.06 -1.65
CA LEU B 134 -20.00 17.83 -0.21
C LEU B 134 -19.95 16.35 0.14
N ASN B 135 -20.61 15.52 -0.67
CA ASN B 135 -20.58 14.08 -0.45
C ASN B 135 -19.14 13.55 -0.52
N ASP B 136 -18.36 14.08 -1.46
CA ASP B 136 -16.98 13.64 -1.61
C ASP B 136 -16.11 14.05 -0.42
N GLN B 137 -16.34 15.23 0.14
CA GLN B 137 -15.62 15.63 1.35
C GLN B 137 -15.91 14.65 2.48
N VAL B 138 -17.17 14.22 2.57
CA VAL B 138 -17.55 13.29 3.63
C VAL B 138 -16.88 11.93 3.41
N THR B 139 -16.86 11.49 2.16
CA THR B 139 -16.26 10.22 1.79
C THR B 139 -14.75 10.23 2.07
N LEU B 140 -14.08 11.31 1.71
CA LEU B 140 -12.64 11.43 1.96
C LEU B 140 -12.29 11.35 3.44
N LEU B 141 -13.05 12.06 4.28
CA LEU B 141 -12.79 12.01 5.71
C LEU B 141 -13.13 10.63 6.27
N LYS B 142 -14.24 10.07 5.82
CA LYS B 142 -14.70 8.77 6.28
C LYS B 142 -13.63 7.69 6.07
N TYR B 143 -13.04 7.65 4.89
CA TYR B 143 -12.05 6.61 4.62
C TYR B 143 -10.62 7.05 4.96
N GLY B 144 -10.41 8.33 5.23
CA GLY B 144 -9.07 8.81 5.47
C GLY B 144 -8.65 8.89 6.93
N VAL B 145 -9.64 9.02 7.82
CA VAL B 145 -9.35 9.36 9.20
C VAL B 145 -8.58 8.25 9.93
N HIS B 146 -8.86 6.99 9.63
CA HIS B 146 -8.14 5.89 10.27
C HIS B 146 -6.66 5.88 9.90
N GLU B 147 -6.37 6.06 8.61
CA GLU B 147 -4.99 6.18 8.15
C GLU B 147 -4.29 7.33 8.87
N ILE B 148 -4.93 8.49 8.91
CA ILE B 148 -4.34 9.64 9.60
C ILE B 148 -4.14 9.40 11.09
N ILE B 149 -5.12 8.82 11.76
CA ILE B 149 -4.99 8.54 13.21
C ILE B 149 -3.71 7.73 13.50
N TYR B 150 -3.49 6.64 12.77
CA TYR B 150 -2.31 5.79 13.02
C TYR B 150 -1.00 6.43 12.60
N THR B 151 -1.06 7.29 11.60
CA THR B 151 0.11 8.04 11.19
C THR B 151 0.51 8.98 12.30
N MET B 152 -0.45 9.75 12.79
CA MET B 152 -0.18 10.72 13.84
C MET B 152 0.12 10.03 15.17
N LEU B 153 -0.46 8.85 15.38
CA LEU B 153 -0.21 8.09 16.60
C LEU B 153 1.27 7.75 16.71
N ALA B 154 1.92 7.53 15.56
CA ALA B 154 3.34 7.19 15.52
C ALA B 154 4.20 8.26 16.15
N SER B 155 3.77 9.52 16.03
CA SER B 155 4.48 10.65 16.63
C SER B 155 4.51 10.53 18.14
N LEU B 156 3.55 9.81 18.70
CA LEU B 156 3.45 9.69 20.15
C LEU B 156 4.00 8.35 20.65
N MET B 157 4.61 7.59 19.76
CA MET B 157 5.11 6.26 20.11
C MET B 157 6.62 6.15 20.02
N ASN B 158 7.20 5.36 20.92
CA ASN B 158 8.52 4.80 20.67
C ASN B 158 8.35 3.29 20.73
N LYS B 159 9.44 2.54 20.64
CA LYS B 159 9.37 1.09 20.64
C LYS B 159 8.87 0.55 21.99
N ASP B 160 8.84 1.39 23.01
CA ASP B 160 8.50 0.92 24.35
C ASP B 160 7.11 1.35 24.87
N GLY B 161 6.39 2.20 24.13
CA GLY B 161 5.04 2.57 24.56
C GLY B 161 4.48 3.83 23.94
N VAL B 162 3.30 4.26 24.41
CA VAL B 162 2.64 5.41 23.79
C VAL B 162 2.23 6.51 24.77
N LEU B 163 2.43 7.76 24.37
CA LEU B 163 1.90 8.88 25.13
C LEU B 163 0.39 8.90 25.06
N ILE B 164 -0.25 9.08 26.22
CA ILE B 164 -1.69 9.22 26.29
C ILE B 164 -2.05 10.49 27.04
N SER B 165 -3.30 10.92 26.88
CA SER B 165 -3.81 12.07 27.61
C SER B 165 -2.93 13.32 27.47
N GLU B 166 -2.98 13.97 26.30
CA GLU B 166 -2.29 15.24 26.08
C GLU B 166 -0.79 15.16 26.42
N GLY B 167 -0.25 13.95 26.45
CA GLY B 167 1.16 13.75 26.75
C GLY B 167 1.43 13.67 28.24
N GLN B 168 0.37 13.71 29.04
CA GLN B 168 0.49 13.64 30.49
C GLN B 168 0.75 12.22 30.98
N GLY B 169 0.48 11.24 30.13
CA GLY B 169 0.68 9.85 30.49
C GLY B 169 1.50 9.10 29.47
N PHE B 170 2.02 7.95 29.89
CA PHE B 170 2.73 7.03 29.00
C PHE B 170 2.30 5.61 29.33
N MET B 171 1.73 4.93 28.35
CA MET B 171 1.29 3.55 28.54
C MET B 171 2.27 2.64 27.84
N THR B 172 2.81 1.66 28.56
CA THR B 172 3.88 0.84 28.01
C THR B 172 3.34 -0.18 27.04
N ARG B 173 4.16 -0.50 26.04
CA ARG B 173 3.83 -1.48 25.03
C ARG B 173 3.55 -2.84 25.63
N GLU B 174 4.36 -3.23 26.60
CA GLU B 174 4.23 -4.57 27.18
C GLU B 174 2.94 -4.69 27.98
N PHE B 175 2.54 -3.61 28.61
CA PHE B 175 1.29 -3.63 29.33
C PHE B 175 0.15 -3.85 28.35
N LEU B 176 0.19 -3.19 27.20
CA LEU B 176 -0.86 -3.31 26.20
C LEU B 176 -0.91 -4.69 25.58
N LYS B 177 0.22 -5.34 25.46
CA LYS B 177 0.29 -6.68 24.94
C LYS B 177 -0.32 -7.68 25.90
N SER B 178 -0.26 -7.39 27.19
CA SER B 178 -0.76 -8.24 28.25
C SER B 178 -2.26 -8.18 28.51
N LEU B 179 -3.01 -7.50 27.67
CA LEU B 179 -4.41 -7.39 27.88
C LEU B 179 -5.09 -8.67 27.47
N ARG B 180 -6.22 -8.93 28.09
CA ARG B 180 -7.07 -10.07 27.81
C ARG B 180 -7.27 -10.25 26.30
N LYS B 181 -7.02 -11.45 25.83
CA LYS B 181 -7.12 -11.90 24.43
C LYS B 181 -7.26 -10.92 23.32
N PRO B 182 -8.49 -10.61 22.97
CA PRO B 182 -8.75 -9.67 21.87
C PRO B 182 -8.00 -8.36 21.97
N PHE B 183 -8.08 -7.74 23.13
CA PHE B 183 -7.48 -6.44 23.34
C PHE B 183 -5.97 -6.29 23.31
N GLY B 184 -5.23 -7.35 23.53
CA GLY B 184 -3.80 -7.27 23.52
C GLY B 184 -3.18 -7.26 22.15
N ASP B 185 -3.96 -7.59 21.13
CA ASP B 185 -3.51 -7.59 19.75
C ASP B 185 -3.91 -6.31 19.03
N PHE B 186 -4.56 -5.43 19.74
CA PHE B 186 -5.02 -4.18 19.21
C PHE B 186 -3.90 -3.24 18.79
N MET B 187 -3.02 -2.93 19.73
CA MET B 187 -1.96 -1.98 19.51
C MET B 187 -0.66 -2.47 18.95
N GLU B 188 -0.35 -3.73 19.15
CA GLU B 188 0.91 -4.28 18.64
C GLU B 188 1.18 -3.99 17.17
N PRO B 189 0.21 -4.22 16.27
CA PRO B 189 0.56 -3.92 14.88
C PRO B 189 0.81 -2.43 14.66
N LYS B 190 0.24 -1.58 15.53
CA LYS B 190 0.45 -0.15 15.42
C LYS B 190 1.86 0.23 15.87
N PHE B 191 2.37 -0.49 16.86
CA PHE B 191 3.74 -0.27 17.34
C PHE B 191 4.76 -0.67 16.28
N GLU B 192 4.54 -1.81 15.65
CA GLU B 192 5.43 -2.30 14.60
C GLU B 192 5.49 -1.32 13.44
N PHE B 193 4.34 -0.77 13.07
CA PHE B 193 4.32 0.25 12.02
C PHE B 193 5.05 1.53 12.45
N ALA B 194 4.81 1.96 13.68
CA ALA B 194 5.38 3.20 14.20
C ALA B 194 6.91 3.16 14.19
N VAL B 195 7.47 2.02 14.58
CA VAL B 195 8.93 1.92 14.63
C VAL B 195 9.52 2.11 13.22
N LYS B 196 8.90 1.47 12.24
CA LYS B 196 9.37 1.60 10.87
C LYS B 196 9.16 3.03 10.37
N PHE B 197 7.97 3.58 10.64
CA PHE B 197 7.62 4.91 10.16
C PHE B 197 8.49 5.99 10.80
N ASN B 198 8.77 5.83 12.09
CA ASN B 198 9.56 6.80 12.81
C ASN B 198 11.04 6.78 12.38
N ALA B 199 11.46 5.68 11.78
CA ALA B 199 12.83 5.58 11.26
C ALA B 199 13.09 6.62 10.15
N LEU B 200 12.02 7.07 9.50
CA LEU B 200 12.08 8.15 8.53
C LEU B 200 12.43 9.52 9.13
N GLU B 201 12.28 9.68 10.44
CA GLU B 201 12.61 10.94 11.13
C GLU B 201 11.97 12.18 10.51
N LEU B 202 10.67 12.08 10.20
CA LEU B 202 9.91 13.22 9.73
C LEU B 202 9.65 14.19 10.89
N ASP B 203 9.55 15.48 10.57
CA ASP B 203 9.07 16.44 11.56
C ASP B 203 7.68 16.88 11.17
N ASP B 204 7.08 17.70 12.03
CA ASP B 204 5.71 18.19 11.83
C ASP B 204 5.48 18.89 10.48
N SER B 205 6.47 19.63 10.00
CA SER B 205 6.35 20.31 8.71
C SER B 205 6.24 19.30 7.55
N ASP B 206 6.95 18.18 7.65
CA ASP B 206 6.78 17.09 6.70
C ASP B 206 5.39 16.43 6.87
N LEU B 207 5.05 16.09 8.11
CA LEU B 207 3.81 15.34 8.40
C LEU B 207 2.57 16.11 7.96
N ALA B 208 2.59 17.43 8.14
CA ALA B 208 1.46 18.25 7.72
C ALA B 208 1.10 18.02 6.26
N ILE B 209 2.11 17.98 5.40
CA ILE B 209 1.84 17.80 3.98
C ILE B 209 1.41 16.37 3.68
N PHE B 210 2.11 15.41 4.26
CA PHE B 210 1.75 13.99 4.11
C PHE B 210 0.31 13.69 4.50
N ILE B 211 -0.12 14.19 5.66
CA ILE B 211 -1.51 13.99 6.08
C ILE B 211 -2.48 14.53 5.02
N ALA B 212 -2.15 15.67 4.43
CA ALA B 212 -3.04 16.24 3.42
C ALA B 212 -3.10 15.34 2.19
N VAL B 213 -1.96 14.76 1.82
CA VAL B 213 -1.89 13.79 0.73
C VAL B 213 -2.82 12.60 0.97
N ILE B 214 -2.75 12.00 2.17
CA ILE B 214 -3.65 10.90 2.53
C ILE B 214 -5.13 11.30 2.35
N ILE B 215 -5.46 12.51 2.78
CA ILE B 215 -6.89 12.91 2.77
C ILE B 215 -7.40 13.01 1.34
N LEU B 216 -6.57 13.53 0.44
CA LEU B 216 -6.97 13.74 -0.96
C LEU B 216 -6.66 12.54 -1.83
N SER B 217 -7.14 11.36 -1.47
CA SER B 217 -6.64 10.18 -2.15
C SER B 217 -7.10 10.04 -3.62
N GLY B 218 -8.37 9.75 -3.84
CA GLY B 218 -8.88 9.60 -5.19
C GLY B 218 -9.54 8.25 -5.43
N ASP B 219 -9.12 7.26 -4.64
CA ASP B 219 -9.55 5.89 -4.85
C ASP B 219 -10.48 5.41 -3.75
N ARG B 220 -10.97 6.34 -2.94
CA ARG B 220 -11.91 5.98 -1.90
C ARG B 220 -13.16 5.51 -2.61
N PRO B 221 -13.87 4.51 -2.04
CA PRO B 221 -15.04 4.04 -2.78
C PRO B 221 -16.19 5.04 -2.71
N GLY B 222 -16.95 5.13 -3.79
CA GLY B 222 -18.14 5.96 -3.83
C GLY B 222 -17.92 7.43 -4.09
N LEU B 223 -16.70 7.82 -4.50
CA LEU B 223 -16.43 9.20 -4.88
C LEU B 223 -17.20 9.57 -6.14
N LEU B 224 -17.77 10.77 -6.18
CA LEU B 224 -18.55 11.21 -7.35
C LEU B 224 -17.71 11.94 -8.41
N ASN B 225 -16.74 12.74 -7.97
CA ASN B 225 -15.90 13.50 -8.89
C ASN B 225 -14.39 13.38 -8.58
N VAL B 226 -13.77 12.35 -9.12
CA VAL B 226 -12.39 12.03 -8.78
C VAL B 226 -11.40 13.08 -9.29
N LYS B 227 -11.72 13.80 -10.37
CA LYS B 227 -10.72 14.66 -10.98
C LYS B 227 -10.14 15.80 -10.10
N PRO B 228 -11.00 16.63 -9.49
CA PRO B 228 -10.39 17.70 -8.68
C PRO B 228 -9.66 17.16 -7.46
N ILE B 229 -10.05 16.00 -6.96
CA ILE B 229 -9.34 15.42 -5.82
C ILE B 229 -7.90 15.06 -6.23
N GLU B 230 -7.76 14.40 -7.36
CA GLU B 230 -6.42 14.01 -7.81
C GLU B 230 -5.62 15.23 -8.26
N ASP B 231 -6.29 16.24 -8.78
CA ASP B 231 -5.61 17.49 -9.11
C ASP B 231 -5.04 18.15 -7.86
N ILE B 232 -5.82 18.18 -6.78
CA ILE B 232 -5.31 18.72 -5.53
C ILE B 232 -4.18 17.85 -4.98
N GLN B 233 -4.37 16.54 -5.02
CA GLN B 233 -3.34 15.67 -4.48
C GLN B 233 -2.04 15.77 -5.31
N ASP B 234 -2.15 15.96 -6.62
CA ASP B 234 -0.96 16.18 -7.45
C ASP B 234 -0.16 17.35 -6.91
N ASN B 235 -0.86 18.45 -6.63
CA ASN B 235 -0.24 19.64 -6.05
C ASN B 235 0.39 19.40 -4.68
N LEU B 236 -0.32 18.69 -3.80
CA LEU B 236 0.19 18.35 -2.47
C LEU B 236 1.43 17.47 -2.55
N LEU B 237 1.40 16.52 -3.49
CA LEU B 237 2.55 15.65 -3.72
C LEU B 237 3.78 16.45 -4.18
N GLN B 238 3.56 17.39 -5.10
CA GLN B 238 4.62 18.31 -5.51
C GLN B 238 5.18 19.07 -4.31
N ALA B 239 4.30 19.61 -3.50
CA ALA B 239 4.74 20.37 -2.33
C ALA B 239 5.47 19.48 -1.33
N LEU B 240 5.05 18.23 -1.21
CA LEU B 240 5.68 17.30 -0.26
C LEU B 240 7.10 16.94 -0.70
N GLU B 241 7.23 16.63 -1.98
CA GLU B 241 8.53 16.31 -2.55
C GLU B 241 9.50 17.45 -2.31
N LEU B 242 9.09 18.67 -2.65
CA LEU B 242 9.97 19.82 -2.47
C LEU B 242 10.35 20.00 -0.99
N GLN B 243 9.37 19.76 -0.10
CA GLN B 243 9.59 19.91 1.33
C GLN B 243 10.64 18.94 1.86
N LEU B 244 10.53 17.68 1.46
CA LEU B 244 11.47 16.66 1.92
C LEU B 244 12.85 16.90 1.33
N LYS B 245 12.89 17.45 0.12
CA LYS B 245 14.13 17.74 -0.57
C LYS B 245 14.89 18.89 0.11
N LEU B 246 14.15 19.88 0.59
CA LEU B 246 14.75 21.01 1.31
C LEU B 246 15.02 20.65 2.77
N ASN B 247 14.02 20.10 3.44
CA ASN B 247 14.14 19.75 4.85
C ASN B 247 15.14 18.62 5.11
N HIS B 248 15.24 17.67 4.19
CA HIS B 248 16.08 16.50 4.38
C HIS B 248 16.97 16.28 3.18
N PRO B 249 17.84 17.26 2.87
CA PRO B 249 18.60 17.28 1.63
C PRO B 249 19.47 16.04 1.44
N GLU B 250 19.78 15.35 2.54
CA GLU B 250 20.74 14.28 2.51
C GLU B 250 20.10 12.90 2.73
N SER B 251 18.77 12.89 2.76
CA SER B 251 18.05 11.63 2.83
C SER B 251 17.52 11.29 1.44
N SER B 252 18.28 10.48 0.71
CA SER B 252 17.93 10.15 -0.67
C SER B 252 16.60 9.40 -0.75
N GLN B 253 15.73 9.86 -1.67
CA GLN B 253 14.48 9.16 -1.98
C GLN B 253 13.55 9.04 -0.78
N LEU B 254 13.63 10.02 0.12
CA LEU B 254 12.78 10.05 1.31
C LEU B 254 11.32 10.13 0.88
N PHE B 255 11.09 10.90 -0.17
CA PHE B 255 9.74 11.05 -0.74
C PHE B 255 9.18 9.68 -1.12
N ALA B 256 9.96 8.94 -1.91
CA ALA B 256 9.56 7.60 -2.33
C ALA B 256 9.35 6.65 -1.15
N LYS B 257 10.25 6.70 -0.19
CA LYS B 257 10.16 5.82 0.98
C LYS B 257 8.88 6.10 1.78
N LEU B 258 8.50 7.37 1.85
CA LEU B 258 7.34 7.77 2.64
C LEU B 258 6.06 7.29 1.97
N LEU B 259 6.00 7.42 0.66
CA LEU B 259 4.83 6.99 -0.12
C LEU B 259 4.66 5.48 -0.01
N GLN B 260 5.76 4.74 0.10
CA GLN B 260 5.68 3.29 0.26
C GLN B 260 5.13 2.87 1.62
N LYS B 261 5.21 3.75 2.61
CA LYS B 261 4.70 3.43 3.94
C LYS B 261 3.17 3.37 3.94
N MET B 262 2.56 3.95 2.92
CA MET B 262 1.10 3.91 2.78
C MET B 262 0.64 2.46 2.60
N THR B 263 1.50 1.62 2.02
CA THR B 263 1.13 0.22 1.79
C THR B 263 0.93 -0.53 3.12
N ASP B 264 1.89 -0.39 4.05
CA ASP B 264 1.71 -0.96 5.38
C ASP B 264 0.56 -0.30 6.13
N LEU B 265 0.43 1.00 5.95
CA LEU B 265 -0.58 1.76 6.64
C LEU B 265 -1.98 1.25 6.35
N ARG B 266 -2.29 1.05 5.07
CA ARG B 266 -3.60 0.58 4.66
C ARG B 266 -3.85 -0.85 5.14
N GLN B 267 -2.81 -1.68 5.18
CA GLN B 267 -3.03 -3.03 5.68
C GLN B 267 -3.43 -2.91 7.13
N ILE B 268 -2.68 -2.08 7.87
CA ILE B 268 -2.91 -1.92 9.30
C ILE B 268 -4.36 -1.53 9.56
N VAL B 269 -4.87 -0.59 8.76
CA VAL B 269 -6.24 -0.12 8.93
C VAL B 269 -7.24 -1.24 8.65
N THR B 270 -7.01 -1.97 7.56
CA THR B 270 -7.84 -3.11 7.20
C THR B 270 -7.87 -4.16 8.32
N GLU B 271 -6.71 -4.50 8.87
CA GLU B 271 -6.64 -5.44 9.98
C GLU B 271 -7.35 -4.91 11.23
N HIS B 272 -7.22 -3.61 11.47
CA HIS B 272 -7.85 -3.00 12.63
C HIS B 272 -9.38 -3.04 12.54
N VAL B 273 -9.94 -2.68 11.39
CA VAL B 273 -11.38 -2.65 11.26
C VAL B 273 -11.93 -4.08 11.40
N GLN B 274 -11.15 -5.05 10.93
CA GLN B 274 -11.46 -6.47 11.11
C GLN B 274 -11.51 -6.83 12.60
N LEU B 275 -10.55 -6.34 13.36
CA LEU B 275 -10.52 -6.57 14.80
C LEU B 275 -11.70 -5.89 15.47
N LEU B 276 -12.00 -4.67 15.01
CA LEU B 276 -13.07 -3.86 15.56
C LEU B 276 -14.42 -4.59 15.49
N GLN B 277 -14.58 -5.38 14.43
CA GLN B 277 -15.80 -6.15 14.22
C GLN B 277 -15.88 -7.40 15.11
N VAL B 278 -14.75 -7.84 15.65
CA VAL B 278 -14.73 -9.04 16.47
C VAL B 278 -15.13 -8.76 17.92
N ILE B 279 -14.91 -7.53 18.39
CA ILE B 279 -15.32 -7.14 19.73
C ILE B 279 -16.84 -6.93 19.79
N LYS B 280 -17.51 -7.07 18.65
CA LYS B 280 -18.96 -7.03 18.66
C LYS B 280 -19.48 -8.38 19.11
N LYS B 281 -18.55 -9.27 19.44
CA LYS B 281 -18.89 -10.58 19.95
C LYS B 281 -18.15 -10.81 21.26
N THR B 282 -17.74 -9.73 21.91
CA THR B 282 -17.14 -9.88 23.22
C THR B 282 -18.17 -9.33 24.21
N GLU B 283 -18.37 -8.02 24.24
CA GLU B 283 -19.29 -7.41 25.20
C GLU B 283 -20.30 -6.68 24.32
N THR B 284 -21.53 -7.12 24.35
CA THR B 284 -22.43 -6.58 23.37
C THR B 284 -23.70 -6.05 23.88
N HIS B 289 -25.34 2.40 28.57
CA HIS B 289 -24.57 3.34 27.79
C HIS B 289 -25.24 3.56 26.47
N PRO B 290 -26.33 4.27 26.56
CA PRO B 290 -27.32 4.68 25.60
C PRO B 290 -26.89 5.53 24.45
N LEU B 291 -26.64 6.77 24.82
CA LEU B 291 -26.53 7.79 23.85
C LEU B 291 -25.06 7.65 23.38
N LEU B 292 -24.35 6.84 24.18
CA LEU B 292 -22.95 6.50 24.03
C LEU B 292 -22.67 5.58 22.83
N GLN B 293 -23.45 4.51 22.64
CA GLN B 293 -23.41 3.74 21.39
C GLN B 293 -23.34 4.71 20.20
N GLU B 294 -24.28 5.64 20.25
CA GLU B 294 -24.56 6.55 19.17
C GLU B 294 -23.38 7.45 18.95
N ILE B 295 -22.83 8.02 20.02
CA ILE B 295 -21.64 8.85 19.91
C ILE B 295 -20.52 8.09 19.22
N TYR B 296 -20.40 6.79 19.48
CA TYR B 296 -19.37 5.97 18.84
C TYR B 296 -19.94 4.96 17.84
CG2 QMH C . -2.58 -20.23 -8.13
CB QMH C . -3.70 -19.22 -8.09
CG1 QMH C . -4.61 -19.42 -9.30
CA QMH C . -3.13 -17.78 -8.06
C QMH C . -1.92 -17.69 -7.10
OXT QMH C . -0.77 -17.83 -7.58
O QMH C . -2.19 -17.45 -5.90
N QMH C . -2.78 -17.27 -9.40
CAS QMH C . -3.27 -16.09 -9.80
OAE QMH C . -4.00 -15.40 -9.06
CAU QMH C . -2.90 -15.64 -11.06
CAJ QMH C . -1.78 -16.19 -11.69
CAH QMH C . -1.37 -15.76 -12.94
CAI QMH C . -3.61 -14.65 -11.72
CAG QMH C . -3.21 -14.22 -12.99
CAT QMH C . -2.09 -14.78 -13.60
OAQ QMH C . -1.70 -14.35 -14.84
CAO QMH C . -0.31 -14.66 -15.07
CAN QMH C . 0.44 -13.38 -15.40
CAM QMH C . 1.92 -13.66 -15.63
CAL QMH C . 2.72 -12.55 -14.94
CAK QMH C . 4.22 -12.79 -15.14
CAA QMH C . 4.95 -12.14 -13.98
#